data_7K5U
#
_entry.id   7K5U
#
_cell.length_a   87.299
_cell.length_b   93.491
_cell.length_c   105.221
_cell.angle_alpha   90.000
_cell.angle_beta   90.000
_cell.angle_gamma   90.000
#
_symmetry.space_group_name_H-M   'P 21 21 21'
#
loop_
_entity.id
_entity.type
_entity.pdbx_description
1 polymer "DNA (5'-D(P*CP*GP*AP*TP*CP*AP*CP*GP*TP*AP*C)-3')"
2 polymer "DNA (5'-D(P*CP*GP*TP*AP*CP*GP*TP*GP*AP*TP*CP*GP*C)-3')"
3 polymer 'DNA polymerase I'
4 non-polymer 'SULFATE ION'
5 water water
#
loop_
_entity_poly.entity_id
_entity_poly.type
_entity_poly.pdbx_seq_one_letter_code
_entity_poly.pdbx_strand_id
1 'polydeoxyribonucleotide' (DG)(DC)(DG)(DA)(DT)(DC)(DA)(DC)(DG)(DT)(DA)(DC) P
2 'polydeoxyribonucleotide' (DG)(DA)(DC)(DG)(DT)(DA)(DC)(DG)(DT)(DG)(DA)(DT)(DC)(DG)(DC)(DA) T
3 'polypeptide(L)'
;AKMAFTLADRVTEEMLADKAALVVEVVEENYHDAPIVGIAVVNEHGRFFLRPETALADPQFVAWLGDETKKKSMFDSKRA
AVALKWKGIELCGVSFDLLLAAYLLDPAQGVDDVAAAAKMKQYEAVRPDEAVYGKGAKRAVPDEPVLAEHLVRKAAAIWA
LERPFLDELRRNEQDRLLVELEQPLSSILAEMEFAGVKVDTKRLEQMGEELAEQLRTVEQRIYELAGQEFNINSPKQLGV
ILFEKLQLPVLKKTKTGYSTSADVLEKLAPYHEIVENILHYRQLGKLQSTYIEGLLKVVRPDTKKVHTIFNQALTQTGRL
SSTEPNLQNIPIRLEEGRKIRQAFVPSESDWLIFAADYSQIELRVLAHIAEDDNLMEAFRRDLDIHTKTAMDIFQVSEDE
VTPNMRRQAKAVNFGIVYGISDYGLAQNLNISRKEAAEFIERYFESFPGVKRYMENIVQEAKQKGYVTTLLHRRRYLPDI
TSRNFNVRSFAERMAMNTPIQGSAADIIKKAMIDLNARLKEERLQARLLLQVHDELILEAPKEEMERLCRLVPEVMEQAV
TLRVPLKVDYHYGSTWYDAK
;
A
#
loop_
_chem_comp.id
_chem_comp.type
_chem_comp.name
_chem_comp.formula
DA DNA linking 2'-DEOXYADENOSINE-5'-MONOPHOSPHATE 'C10 H14 N5 O6 P'
DC DNA linking 2'-DEOXYCYTIDINE-5'-MONOPHOSPHATE 'C9 H14 N3 O7 P'
DG DNA linking 2'-DEOXYGUANOSINE-5'-MONOPHOSPHATE 'C10 H14 N5 O7 P'
DT DNA linking THYMIDINE-5'-MONOPHOSPHATE 'C10 H15 N2 O8 P'
SO4 non-polymer 'SULFATE ION' 'O4 S -2'
#
# COMPACT_ATOMS: atom_id res chain seq x y z
N ALA C 4 -9.76 30.64 23.63
CA ALA C 4 -10.48 29.89 24.66
C ALA C 4 -11.62 29.07 24.04
N PHE C 5 -12.23 28.23 24.87
CA PHE C 5 -13.15 27.22 24.40
C PHE C 5 -14.02 26.79 25.56
N THR C 6 -15.16 26.21 25.22
CA THR C 6 -16.10 25.68 26.21
C THR C 6 -15.78 24.22 26.48
N LEU C 7 -15.56 23.91 27.75
CA LEU C 7 -15.45 22.52 28.18
C LEU C 7 -16.88 22.09 28.52
N ALA C 8 -17.54 21.39 27.61
CA ALA C 8 -18.99 21.26 27.65
C ALA C 8 -19.42 20.03 28.43
N ASP C 9 -20.35 20.25 29.37
CA ASP C 9 -20.96 19.16 30.11
C ASP C 9 -22.04 18.47 29.30
N ARG C 10 -22.81 19.26 28.54
CA ARG C 10 -23.95 18.84 27.75
C ARG C 10 -23.68 19.14 26.28
N VAL C 11 -24.23 18.32 25.39
CA VAL C 11 -24.35 18.71 23.99
C VAL C 11 -25.46 19.76 23.86
N THR C 12 -25.18 20.84 23.16
CA THR C 12 -26.17 21.88 22.88
C THR C 12 -26.37 22.03 21.38
N GLU C 13 -27.45 22.72 21.01
CA GLU C 13 -27.79 22.84 19.59
C GLU C 13 -26.74 23.60 18.81
N GLU C 14 -26.06 24.58 19.44
CA GLU C 14 -25.09 25.35 18.68
C GLU C 14 -23.83 24.54 18.35
N MET C 15 -23.65 23.37 18.97
CA MET C 15 -22.59 22.46 18.59
C MET C 15 -22.92 21.66 17.34
N LEU C 16 -24.15 21.74 16.86
CA LEU C 16 -24.64 20.90 15.78
C LEU C 16 -24.91 21.73 14.53
N ALA C 17 -24.09 22.76 14.31
CA ALA C 17 -24.17 23.55 13.09
C ALA C 17 -23.83 22.69 11.89
N ASP C 18 -24.26 23.14 10.71
CA ASP C 18 -24.10 22.35 9.50
C ASP C 18 -22.73 22.48 8.84
N LYS C 19 -21.80 23.20 9.47
CA LYS C 19 -20.40 23.16 9.06
C LYS C 19 -19.53 23.21 10.30
N ALA C 20 -18.58 22.29 10.42
CA ALA C 20 -17.75 22.26 11.61
C ALA C 20 -16.43 21.55 11.32
N ALA C 21 -15.39 22.02 12.00
CA ALA C 21 -14.19 21.21 12.15
C ALA C 21 -14.43 20.23 13.29
N LEU C 22 -14.13 18.96 13.06
CA LEU C 22 -14.47 17.92 14.03
C LEU C 22 -13.25 17.10 14.35
N VAL C 23 -13.02 16.89 15.64
CA VAL C 23 -11.93 16.05 16.13
C VAL C 23 -12.56 14.95 16.97
N VAL C 24 -12.37 13.71 16.55
CA VAL C 24 -12.81 12.53 17.28
C VAL C 24 -11.53 11.74 17.54
N GLU C 25 -10.95 11.94 18.73
CA GLU C 25 -9.54 11.61 18.97
C GLU C 25 -9.41 10.15 19.37
N VAL C 26 -8.67 9.40 18.57
CA VAL C 26 -8.31 8.02 18.86
C VAL C 26 -6.79 7.98 18.94
N VAL C 27 -6.26 7.80 20.15
CA VAL C 27 -4.82 7.91 20.37
C VAL C 27 -4.09 6.60 20.08
N GLU C 28 -4.74 5.47 20.35
CA GLU C 28 -4.18 4.17 20.01
C GLU C 28 -3.83 4.11 18.53
N GLU C 29 -2.59 3.69 18.24
CA GLU C 29 -2.12 3.62 16.86
C GLU C 29 -3.04 2.73 16.02
N ASN C 30 -3.33 1.54 16.51
CA ASN C 30 -4.31 0.68 15.88
C ASN C 30 -5.70 1.11 16.36
N TYR C 31 -6.50 1.68 15.47
CA TYR C 31 -7.76 2.25 15.93
C TYR C 31 -8.92 1.27 15.96
N HIS C 32 -8.71 0.00 15.63
CA HIS C 32 -9.83 -0.95 15.59
C HIS C 32 -10.33 -1.25 17.00
N ASP C 33 -11.59 -0.91 17.27
CA ASP C 33 -12.20 -1.14 18.58
C ASP C 33 -11.46 -0.40 19.69
N ALA C 34 -10.81 0.72 19.36
CA ALA C 34 -10.01 1.49 20.30
C ALA C 34 -10.84 2.59 20.96
N PRO C 35 -10.41 3.07 22.13
CA PRO C 35 -11.16 4.14 22.80
C PRO C 35 -11.10 5.45 22.03
N ILE C 36 -12.19 6.19 22.13
CA ILE C 36 -12.23 7.59 21.70
C ILE C 36 -12.03 8.41 22.97
N VAL C 37 -10.89 9.13 23.06
CA VAL C 37 -10.55 9.81 24.31
C VAL C 37 -11.13 11.20 24.42
N GLY C 38 -11.66 11.76 23.35
CA GLY C 38 -12.16 13.11 23.47
C GLY C 38 -12.62 13.63 22.15
N ILE C 39 -13.44 14.67 22.17
CA ILE C 39 -14.06 15.21 20.98
C ILE C 39 -13.94 16.74 21.03
N ALA C 40 -13.67 17.34 19.88
CA ALA C 40 -13.69 18.79 19.74
C ALA C 40 -14.47 19.18 18.50
N VAL C 41 -15.23 20.26 18.64
CA VAL C 41 -16.09 20.81 17.59
C VAL C 41 -15.76 22.30 17.52
N VAL C 42 -15.41 22.77 16.34
CA VAL C 42 -15.25 24.20 16.10
C VAL C 42 -16.16 24.58 14.94
N ASN C 43 -16.98 25.61 15.13
CA ASN C 43 -17.92 26.06 14.10
C ASN C 43 -18.12 27.56 14.25
N GLU C 44 -19.12 28.11 13.54
CA GLU C 44 -19.34 29.55 13.59
C GLU C 44 -19.72 30.03 14.98
N HIS C 45 -20.21 29.12 15.83
CA HIS C 45 -20.75 29.49 17.14
C HIS C 45 -19.72 29.39 18.27
N GLY C 46 -18.60 28.72 18.06
CA GLY C 46 -17.56 28.71 19.07
C GLY C 46 -16.72 27.46 18.96
N ARG C 47 -16.00 27.16 20.06
CA ARG C 47 -15.12 26.00 20.15
C ARG C 47 -15.56 25.18 21.34
N PHE C 48 -15.72 23.89 21.14
CA PHE C 48 -16.32 23.03 22.15
C PHE C 48 -15.47 21.79 22.34
N PHE C 49 -15.21 21.44 23.59
CA PHE C 49 -14.69 20.13 23.94
C PHE C 49 -15.80 19.33 24.60
N LEU C 50 -16.00 18.10 24.13
CA LEU C 50 -16.97 17.17 24.70
C LEU C 50 -16.26 15.90 25.14
N ARG C 51 -16.60 15.44 26.34
CA ARG C 51 -16.21 14.10 26.75
C ARG C 51 -16.97 13.06 25.94
N PRO C 52 -16.30 11.98 25.51
CA PRO C 52 -16.94 11.07 24.56
C PRO C 52 -18.08 10.27 25.17
N GLU C 53 -17.94 9.82 26.42
CA GLU C 53 -19.03 9.07 27.03
C GLU C 53 -20.33 9.86 27.03
N THR C 54 -20.22 11.19 27.08
CA THR C 54 -21.42 12.04 27.05
C THR C 54 -21.91 12.25 25.64
N ALA C 55 -21.03 12.69 24.74
CA ALA C 55 -21.48 13.06 23.40
C ALA C 55 -21.95 11.83 22.62
N LEU C 56 -21.23 10.72 22.72
CA LEU C 56 -21.58 9.56 21.92
C LEU C 56 -22.80 8.82 22.45
N ALA C 57 -23.34 9.23 23.59
CA ALA C 57 -24.62 8.74 24.08
C ALA C 57 -25.76 9.73 23.87
N ASP C 58 -25.45 10.92 23.37
CA ASP C 58 -26.48 11.92 23.12
C ASP C 58 -27.09 11.69 21.74
N PRO C 59 -28.38 11.34 21.65
CA PRO C 59 -28.96 11.05 20.32
C PRO C 59 -28.81 12.19 19.31
N GLN C 60 -28.89 13.46 19.75
CA GLN C 60 -28.78 14.57 18.81
C GLN C 60 -27.38 14.65 18.23
N PHE C 61 -26.37 14.45 19.08
CA PHE C 61 -24.99 14.45 18.60
C PHE C 61 -24.75 13.29 17.65
N VAL C 62 -25.21 12.10 18.00
CA VAL C 62 -25.06 10.94 17.13
C VAL C 62 -25.76 11.19 15.79
N ALA C 63 -26.99 11.71 15.84
CA ALA C 63 -27.70 12.02 14.60
C ALA C 63 -26.94 13.06 13.79
N TRP C 64 -26.34 14.06 14.47
CA TRP C 64 -25.50 15.03 13.76
C TRP C 64 -24.30 14.36 13.08
N LEU C 65 -23.65 13.43 13.79
CA LEU C 65 -22.52 12.71 13.20
C LEU C 65 -22.93 11.99 11.92
N GLY C 66 -24.12 11.37 11.92
CA GLY C 66 -24.56 10.60 10.80
C GLY C 66 -25.28 11.35 9.71
N ASP C 67 -25.48 12.66 9.85
CA ASP C 67 -26.24 13.44 8.89
C ASP C 67 -25.29 13.90 7.79
N GLU C 68 -25.49 13.37 6.58
CA GLU C 68 -24.67 13.75 5.43
C GLU C 68 -24.74 15.25 5.13
N THR C 69 -25.83 15.91 5.51
CA THR C 69 -25.93 17.34 5.22
C THR C 69 -25.22 18.23 6.23
N LYS C 70 -24.77 17.66 7.35
CA LYS C 70 -23.97 18.41 8.31
C LYS C 70 -22.50 18.15 7.98
N LYS C 71 -21.85 19.14 7.37
CA LYS C 71 -20.53 18.97 6.78
C LYS C 71 -19.43 19.10 7.82
N LYS C 72 -18.47 18.17 7.80
CA LYS C 72 -17.38 18.14 8.76
C LYS C 72 -16.02 18.20 8.05
N SER C 73 -15.14 19.03 8.58
CA SER C 73 -13.75 19.06 8.16
C SER C 73 -12.95 18.36 9.24
N MET C 74 -12.10 17.41 8.83
CA MET C 74 -11.37 16.58 9.78
C MET C 74 -9.94 16.35 9.32
N PHE C 75 -9.19 15.68 10.19
CA PHE C 75 -7.88 15.16 9.85
C PHE C 75 -7.90 13.65 10.11
N ASP C 76 -7.62 12.86 9.06
CA ASP C 76 -7.67 11.40 9.13
C ASP C 76 -9.04 10.93 9.62
N SER C 77 -10.04 11.22 8.79
CA SER C 77 -11.43 10.89 9.12
C SER C 77 -11.68 9.39 9.12
N LYS C 78 -10.90 8.63 8.34
CA LYS C 78 -11.08 7.18 8.36
C LYS C 78 -10.82 6.61 9.75
N ARG C 79 -9.81 7.15 10.46
CA ARG C 79 -9.55 6.70 11.82
C ARG C 79 -10.78 6.89 12.71
N ALA C 80 -11.37 8.10 12.68
CA ALA C 80 -12.57 8.35 13.46
C ALA C 80 -13.73 7.48 12.98
N ALA C 81 -13.96 7.44 11.67
CA ALA C 81 -15.06 6.65 11.12
C ALA C 81 -14.98 5.20 11.58
N VAL C 82 -13.80 4.60 11.52
CA VAL C 82 -13.67 3.20 11.90
C VAL C 82 -13.92 3.02 13.40
N ALA C 83 -13.30 3.88 14.23
CA ALA C 83 -13.48 3.75 15.66
C ALA C 83 -14.96 3.90 16.01
N LEU C 84 -15.66 4.79 15.31
CA LEU C 84 -17.10 4.94 15.51
C LEU C 84 -17.89 3.75 14.98
N LYS C 85 -17.44 3.13 13.88
CA LYS C 85 -18.08 1.91 13.40
C LYS C 85 -18.09 0.83 14.49
N TRP C 86 -16.99 0.69 15.22
CA TRP C 86 -16.89 -0.30 16.27
C TRP C 86 -17.80 0.01 17.45
N LYS C 87 -18.25 1.26 17.59
CA LYS C 87 -19.27 1.60 18.57
C LYS C 87 -20.66 1.64 17.95
N GLY C 88 -20.79 1.22 16.70
CA GLY C 88 -22.11 1.20 16.08
C GLY C 88 -22.63 2.56 15.69
N ILE C 89 -21.72 3.52 15.42
CA ILE C 89 -22.09 4.89 15.13
C ILE C 89 -21.57 5.25 13.74
N GLU C 90 -22.45 5.85 12.93
CA GLU C 90 -22.10 6.16 11.55
C GLU C 90 -21.62 7.61 11.46
N LEU C 91 -20.55 7.82 10.70
CA LEU C 91 -19.98 9.15 10.50
C LEU C 91 -20.18 9.52 9.04
N CYS C 92 -20.95 10.57 8.78
CA CYS C 92 -21.21 11.04 7.42
C CYS C 92 -20.88 12.52 7.31
N GLY C 93 -20.96 13.03 6.09
CA GLY C 93 -20.82 14.45 5.87
C GLY C 93 -19.40 14.97 5.91
N VAL C 94 -18.40 14.10 5.86
CA VAL C 94 -17.02 14.57 5.97
C VAL C 94 -16.64 15.14 4.61
N SER C 95 -16.61 16.47 4.47
CA SER C 95 -16.40 17.07 3.17
C SER C 95 -14.97 17.56 2.96
N PHE C 96 -14.11 17.50 3.98
CA PHE C 96 -12.73 17.91 3.81
C PHE C 96 -11.86 17.10 4.78
N ASP C 97 -10.87 16.39 4.25
CA ASP C 97 -9.93 15.64 5.08
C ASP C 97 -8.56 16.29 4.88
N LEU C 98 -8.09 16.99 5.93
CA LEU C 98 -6.84 17.72 5.84
C LEU C 98 -5.65 16.78 5.64
N LEU C 99 -5.70 15.57 6.19
CA LEU C 99 -4.61 14.63 5.96
C LEU C 99 -4.47 14.30 4.47
N LEU C 100 -5.59 13.95 3.84
CA LEU C 100 -5.58 13.61 2.43
C LEU C 100 -5.23 14.83 1.58
N ALA C 101 -5.70 16.02 1.99
CA ALA C 101 -5.36 17.24 1.26
C ALA C 101 -3.87 17.49 1.30
N ALA C 102 -3.26 17.36 2.48
CA ALA C 102 -1.81 17.53 2.60
C ALA C 102 -1.06 16.47 1.81
N TYR C 103 -1.52 15.23 1.89
CA TYR C 103 -0.89 14.16 1.11
C TYR C 103 -0.90 14.48 -0.39
N LEU C 104 -2.02 14.96 -0.92
CA LEU C 104 -2.07 15.21 -2.36
C LEU C 104 -1.16 16.36 -2.74
N LEU C 105 -1.11 17.41 -1.92
CA LEU C 105 -0.28 18.57 -2.23
C LEU C 105 1.20 18.24 -2.23
N ASP C 106 1.64 17.35 -1.35
CA ASP C 106 3.04 16.95 -1.30
C ASP C 106 3.24 15.73 -0.40
N PRO C 107 3.24 14.54 -0.96
CA PRO C 107 3.40 13.33 -0.14
C PRO C 107 4.72 13.26 0.59
N ALA C 108 5.74 14.00 0.15
CA ALA C 108 7.06 13.85 0.74
C ALA C 108 7.21 14.59 2.07
N GLN C 109 6.23 15.40 2.46
CA GLN C 109 6.30 16.02 3.77
C GLN C 109 6.13 15.01 4.90
N GLY C 110 5.64 13.81 4.61
CA GLY C 110 5.39 12.84 5.67
C GLY C 110 4.34 13.30 6.66
N VAL C 111 3.40 14.12 6.22
CA VAL C 111 2.42 14.73 7.11
C VAL C 111 1.60 13.66 7.81
N ASP C 112 1.80 13.54 9.12
CA ASP C 112 1.17 12.52 9.93
C ASP C 112 0.36 13.11 11.08
N ASP C 113 0.39 14.42 11.27
CA ASP C 113 -0.52 14.99 12.26
C ASP C 113 -0.91 16.38 11.81
N VAL C 114 -1.88 16.94 12.54
CA VAL C 114 -2.40 18.26 12.17
C VAL C 114 -1.28 19.29 12.16
N ALA C 115 -0.34 19.20 13.10
CA ALA C 115 0.69 20.22 13.23
C ALA C 115 1.60 20.25 12.01
N ALA C 116 1.94 19.08 11.47
CA ALA C 116 2.79 19.03 10.29
C ALA C 116 2.07 19.67 9.10
N ALA C 117 0.77 19.42 8.95
CA ALA C 117 0.05 20.04 7.85
C ALA C 117 -0.07 21.54 8.06
N ALA C 118 -0.28 21.97 9.31
CA ALA C 118 -0.45 23.39 9.57
C ALA C 118 0.82 24.15 9.27
N LYS C 119 1.97 23.54 9.56
CA LYS C 119 3.25 24.18 9.29
C LYS C 119 3.39 24.54 7.82
N MET C 120 2.77 23.75 6.93
CA MET C 120 2.84 24.03 5.49
C MET C 120 2.21 25.37 5.13
N LYS C 121 1.33 25.91 5.99
CA LYS C 121 0.68 27.20 5.77
C LYS C 121 0.98 28.17 6.91
N GLN C 122 2.15 28.03 7.52
CA GLN C 122 2.68 29.01 8.47
C GLN C 122 1.79 29.12 9.71
N TYR C 123 1.09 28.04 10.03
CA TYR C 123 0.20 27.95 11.18
C TYR C 123 0.87 27.04 12.20
N GLU C 124 1.20 27.59 13.37
CA GLU C 124 1.94 26.80 14.35
C GLU C 124 1.29 26.82 15.72
N ALA C 125 0.03 27.24 15.81
CA ALA C 125 -0.67 27.31 17.10
C ALA C 125 -1.33 25.98 17.46
N VAL C 126 -0.58 24.91 17.26
CA VAL C 126 -1.04 23.55 17.57
C VAL C 126 0.21 22.70 17.78
N ARG C 127 0.14 21.78 18.78
CA ARG C 127 1.35 21.02 19.04
C ARG C 127 1.36 19.74 18.21
N PRO C 128 2.53 19.17 17.89
CA PRO C 128 2.55 17.81 17.35
C PRO C 128 1.97 16.81 18.35
N ASP C 129 1.23 15.84 17.82
CA ASP C 129 0.64 14.78 18.64
C ASP C 129 1.68 14.13 19.55
N GLU C 130 2.89 13.91 19.03
CA GLU C 130 3.92 13.24 19.79
C GLU C 130 4.38 14.08 20.99
N ALA C 131 4.31 15.41 20.89
CA ALA C 131 4.62 16.25 22.04
C ALA C 131 3.57 16.10 23.14
N VAL C 132 2.31 15.92 22.77
CA VAL C 132 1.24 15.84 23.75
C VAL C 132 1.18 14.44 24.36
N TYR C 133 1.18 13.41 23.52
CA TYR C 133 0.98 12.03 23.95
C TYR C 133 2.28 11.32 24.31
N GLY C 134 3.44 11.86 23.94
CA GLY C 134 4.68 11.17 24.19
C GLY C 134 4.91 10.05 23.17
N LYS C 135 5.99 9.30 23.41
CA LYS C 135 6.52 8.33 22.47
C LYS C 135 6.66 6.97 23.11
N GLY C 136 6.10 5.96 22.46
CA GLY C 136 6.44 4.57 22.79
C GLY C 136 5.98 4.18 24.19
N ALA C 137 6.95 3.79 25.02
CA ALA C 137 6.66 3.38 26.38
C ALA C 137 5.99 4.51 27.16
N LYS C 138 6.58 5.70 27.11
CA LYS C 138 6.04 6.88 27.80
C LYS C 138 4.76 7.43 27.17
N ARG C 139 4.22 6.77 26.15
CA ARG C 139 3.01 7.24 25.49
C ARG C 139 1.82 7.13 26.45
N ALA C 140 1.11 8.25 26.64
CA ALA C 140 -0.03 8.26 27.54
C ALA C 140 -0.95 9.42 27.19
N VAL C 141 -2.22 9.26 27.54
CA VAL C 141 -3.20 10.34 27.39
C VAL C 141 -3.04 11.30 28.55
N PRO C 142 -2.89 12.60 28.30
CA PRO C 142 -2.71 13.55 29.40
C PRO C 142 -4.06 13.91 30.03
N ASP C 143 -3.98 14.65 31.13
CA ASP C 143 -5.18 15.04 31.87
C ASP C 143 -6.10 15.89 31.01
N GLU C 144 -7.37 15.93 31.42
CA GLU C 144 -8.40 16.58 30.61
C GLU C 144 -8.07 18.01 30.19
N PRO C 145 -7.52 18.87 31.07
CA PRO C 145 -7.19 20.23 30.61
C PRO C 145 -6.18 20.24 29.48
N VAL C 146 -5.11 19.46 29.60
CA VAL C 146 -4.14 19.40 28.51
C VAL C 146 -4.77 18.76 27.28
N LEU C 147 -5.52 17.67 27.48
CA LEU C 147 -6.13 16.98 26.35
C LEU C 147 -7.08 17.90 25.60
N ALA C 148 -7.97 18.58 26.34
CA ALA C 148 -9.00 19.40 25.70
C ALA C 148 -8.39 20.55 24.92
N GLU C 149 -7.33 21.17 25.45
CA GLU C 149 -6.71 22.27 24.72
C GLU C 149 -6.08 21.78 23.42
N HIS C 150 -5.44 20.62 23.46
CA HIS C 150 -4.86 20.05 22.25
C HIS C 150 -5.93 19.80 21.19
N LEU C 151 -7.02 19.11 21.57
CA LEU C 151 -8.05 18.78 20.58
C LEU C 151 -8.69 20.03 20.00
N VAL C 152 -8.95 21.04 20.83
CA VAL C 152 -9.53 22.27 20.33
C VAL C 152 -8.56 22.99 19.40
N ARG C 153 -7.26 23.03 19.74
CA ARG C 153 -6.27 23.63 18.85
C ARG C 153 -6.21 22.90 17.50
N LYS C 154 -6.33 21.57 17.51
CA LYS C 154 -6.34 20.82 16.25
C LYS C 154 -7.56 21.18 15.41
N ALA C 155 -8.74 21.20 16.04
CA ALA C 155 -9.95 21.59 15.33
C ALA C 155 -9.87 23.03 14.82
N ALA C 156 -9.34 23.93 15.65
CA ALA C 156 -9.20 25.31 15.20
C ALA C 156 -8.21 25.41 14.04
N ALA C 157 -7.15 24.60 14.07
CA ALA C 157 -6.24 24.55 12.93
C ALA C 157 -6.96 24.06 11.68
N ILE C 158 -7.72 22.96 11.82
CA ILE C 158 -8.46 22.43 10.66
C ILE C 158 -9.41 23.49 10.11
N TRP C 159 -10.17 24.12 10.99
CA TRP C 159 -11.04 25.24 10.62
C TRP C 159 -10.29 26.29 9.81
N ALA C 160 -9.09 26.68 10.26
CA ALA C 160 -8.35 27.75 9.61
C ALA C 160 -7.67 27.29 8.32
N LEU C 161 -7.34 26.01 8.21
CA LEU C 161 -6.49 25.52 7.14
C LEU C 161 -7.26 25.01 5.92
N GLU C 162 -8.58 24.82 6.03
CA GLU C 162 -9.34 24.25 4.91
C GLU C 162 -9.23 25.13 3.68
N ARG C 163 -9.53 26.43 3.84
CA ARG C 163 -9.47 27.37 2.72
C ARG C 163 -8.10 27.38 2.02
N PRO C 164 -6.96 27.63 2.68
CA PRO C 164 -5.69 27.64 1.92
C PRO C 164 -5.35 26.28 1.31
N PHE C 165 -5.67 25.17 1.96
CA PHE C 165 -5.38 23.88 1.34
C PHE C 165 -6.22 23.67 0.09
N LEU C 166 -7.54 23.95 0.18
CA LEU C 166 -8.39 23.77 -1.00
C LEU C 166 -7.99 24.71 -2.13
N ASP C 167 -7.52 25.91 -1.77
CA ASP C 167 -7.05 26.89 -2.75
C ASP C 167 -5.84 26.35 -3.51
N GLU C 168 -4.86 25.81 -2.79
CA GLU C 168 -3.70 25.27 -3.48
C GLU C 168 -4.07 24.04 -4.29
N LEU C 169 -4.92 23.16 -3.74
CA LEU C 169 -5.38 22.01 -4.51
C LEU C 169 -6.02 22.43 -5.83
N ARG C 170 -6.83 23.49 -5.80
CA ARG C 170 -7.42 24.00 -7.05
C ARG C 170 -6.35 24.50 -8.02
N ARG C 171 -5.36 25.25 -7.52
CA ARG C 171 -4.29 25.75 -8.38
C ARG C 171 -3.55 24.58 -9.02
N ASN C 172 -3.39 23.48 -8.29
CA ASN C 172 -2.76 22.25 -8.77
C ASN C 172 -3.67 21.40 -9.66
N GLU C 173 -4.93 21.80 -9.89
CA GLU C 173 -5.93 20.96 -10.55
C GLU C 173 -6.05 19.60 -9.84
N GLN C 174 -6.05 19.65 -8.52
CA GLN C 174 -6.18 18.48 -7.68
C GLN C 174 -7.41 18.50 -6.81
N ASP C 175 -8.30 19.48 -6.96
CA ASP C 175 -9.50 19.54 -6.12
C ASP C 175 -10.38 18.32 -6.35
N ARG C 176 -10.55 17.92 -7.60
CA ARG C 176 -11.40 16.78 -7.87
C ARG C 176 -10.75 15.48 -7.40
N LEU C 177 -9.42 15.38 -7.56
CA LEU C 177 -8.70 14.23 -6.99
C LEU C 177 -9.03 14.03 -5.52
N LEU C 178 -9.03 15.12 -4.73
CA LEU C 178 -9.39 15.00 -3.32
C LEU C 178 -10.86 14.63 -3.16
N VAL C 179 -11.76 15.39 -3.79
CA VAL C 179 -13.18 15.32 -3.47
C VAL C 179 -13.86 14.10 -4.12
N GLU C 180 -13.39 13.68 -5.29
CA GLU C 180 -14.05 12.61 -6.01
C GLU C 180 -13.29 11.29 -6.00
N LEU C 181 -12.02 11.27 -5.55
CA LEU C 181 -11.28 10.02 -5.50
C LEU C 181 -10.85 9.69 -4.07
N GLU C 182 -9.98 10.49 -3.45
CA GLU C 182 -9.37 10.06 -2.20
C GLU C 182 -10.39 10.09 -1.06
N GLN C 183 -11.23 11.11 -0.99
CA GLN C 183 -12.19 11.17 0.12
C GLN C 183 -13.25 10.08 0.00
N PRO C 184 -13.89 9.84 -1.15
CA PRO C 184 -14.75 8.66 -1.25
C PRO C 184 -14.03 7.35 -1.02
N LEU C 185 -12.78 7.23 -1.48
CA LEU C 185 -12.05 5.99 -1.26
C LEU C 185 -11.82 5.76 0.23
N SER C 186 -11.60 6.85 1.00
CA SER C 186 -11.40 6.72 2.43
C SER C 186 -12.57 6.03 3.11
N SER C 187 -13.80 6.34 2.68
CA SER C 187 -14.98 5.67 3.23
C SER C 187 -15.03 4.20 2.84
N ILE C 188 -14.62 3.89 1.61
CA ILE C 188 -14.61 2.50 1.15
C ILE C 188 -13.56 1.70 1.92
N LEU C 189 -12.39 2.29 2.15
CA LEU C 189 -11.36 1.63 2.96
C LEU C 189 -11.84 1.41 4.40
N ALA C 190 -12.51 2.40 4.98
CA ALA C 190 -13.04 2.22 6.33
C ALA C 190 -13.94 1.00 6.38
N GLU C 191 -14.80 0.84 5.38
CA GLU C 191 -15.69 -0.32 5.35
C GLU C 191 -14.90 -1.62 5.21
N MET C 192 -13.90 -1.64 4.32
CA MET C 192 -13.08 -2.83 4.14
C MET C 192 -12.37 -3.21 5.43
N GLU C 193 -11.78 -2.22 6.11
CA GLU C 193 -11.04 -2.49 7.33
C GLU C 193 -11.97 -2.99 8.42
N PHE C 194 -13.12 -2.35 8.56
CA PHE C 194 -14.10 -2.77 9.55
C PHE C 194 -14.60 -4.18 9.28
N ALA C 195 -14.84 -4.53 8.01
CA ALA C 195 -15.32 -5.88 7.71
C ALA C 195 -14.30 -6.92 8.15
N GLY C 196 -13.03 -6.69 7.84
CA GLY C 196 -12.00 -7.63 8.20
C GLY C 196 -12.01 -8.84 7.28
N VAL C 197 -10.99 -9.69 7.45
CA VAL C 197 -10.90 -10.93 6.71
C VAL C 197 -10.81 -12.08 7.70
N LYS C 198 -11.64 -13.10 7.51
CA LYS C 198 -11.69 -14.23 8.41
C LYS C 198 -10.50 -15.14 8.21
N VAL C 199 -9.89 -15.57 9.31
CA VAL C 199 -8.70 -16.41 9.29
C VAL C 199 -9.07 -17.77 9.84
N ASP C 200 -8.65 -18.83 9.16
CA ASP C 200 -8.76 -20.21 9.64
C ASP C 200 -7.57 -20.44 10.54
N THR C 201 -7.72 -20.03 11.80
CA THR C 201 -6.59 -20.09 12.72
C THR C 201 -6.17 -21.53 12.99
N LYS C 202 -7.10 -22.47 12.94
CA LYS C 202 -6.72 -23.85 13.23
C LYS C 202 -5.81 -24.38 12.13
N ARG C 203 -6.10 -24.04 10.87
CA ARG C 203 -5.21 -24.38 9.76
C ARG C 203 -3.86 -23.69 9.91
N LEU C 204 -3.87 -22.40 10.28
CA LEU C 204 -2.63 -21.68 10.54
C LEU C 204 -1.81 -22.36 11.63
N GLU C 205 -2.47 -22.78 12.71
CA GLU C 205 -1.74 -23.42 13.81
C GLU C 205 -1.15 -24.75 13.36
N GLN C 206 -1.88 -25.52 12.55
CA GLN C 206 -1.35 -26.80 12.13
C GLN C 206 -0.24 -26.64 11.10
N MET C 207 -0.27 -25.55 10.33
CA MET C 207 0.88 -25.23 9.48
C MET C 207 2.11 -24.94 10.32
N GLY C 208 1.94 -24.11 11.36
CA GLY C 208 3.06 -23.78 12.22
C GLY C 208 3.65 -24.99 12.90
N GLU C 209 2.82 -26.01 13.14
CA GLU C 209 3.31 -27.22 13.80
C GLU C 209 4.17 -28.05 12.85
N GLU C 210 3.78 -28.16 11.58
CA GLU C 210 4.64 -28.87 10.65
C GLU C 210 5.86 -28.05 10.26
N LEU C 211 5.71 -26.73 10.16
CA LEU C 211 6.87 -25.87 9.97
C LEU C 211 7.87 -26.01 11.12
N ALA C 212 7.37 -26.06 12.36
CA ALA C 212 8.26 -26.19 13.50
C ALA C 212 8.95 -27.55 13.53
N GLU C 213 8.33 -28.57 12.95
CA GLU C 213 9.02 -29.85 12.80
C GLU C 213 10.14 -29.74 11.76
N GLN C 214 9.82 -29.20 10.58
CA GLN C 214 10.83 -29.09 9.53
C GLN C 214 11.94 -28.13 9.90
N LEU C 215 11.61 -27.05 10.63
CA LEU C 215 12.67 -26.15 11.09
C LEU C 215 13.66 -26.89 11.97
N ARG C 216 13.17 -27.70 12.92
CA ARG C 216 14.07 -28.44 13.79
C ARG C 216 14.90 -29.45 13.01
N THR C 217 14.37 -29.98 11.91
CA THR C 217 15.12 -30.93 11.11
C THR C 217 16.27 -30.24 10.38
N VAL C 218 15.94 -29.22 9.56
CA VAL C 218 16.96 -28.44 8.87
C VAL C 218 17.98 -27.88 9.86
N GLU C 219 17.48 -27.42 11.01
CA GLU C 219 18.36 -26.81 12.00
C GLU C 219 19.43 -27.79 12.50
N GLN C 220 19.03 -29.03 12.77
CA GLN C 220 19.98 -30.04 13.19
C GLN C 220 20.97 -30.36 12.08
N ARG C 221 20.48 -30.46 10.83
CA ARG C 221 21.37 -30.71 9.71
C ARG C 221 22.38 -29.58 9.55
N ILE C 222 21.96 -28.34 9.83
CA ILE C 222 22.87 -27.21 9.66
C ILE C 222 24.01 -27.29 10.67
N TYR C 223 23.70 -27.66 11.92
CA TYR C 223 24.74 -27.75 12.94
C TYR C 223 25.76 -28.83 12.62
N GLU C 224 25.29 -29.98 12.14
CA GLU C 224 26.20 -31.04 11.73
C GLU C 224 27.15 -30.55 10.65
N LEU C 225 26.60 -30.03 9.55
CA LEU C 225 27.44 -29.57 8.44
C LEU C 225 28.33 -28.40 8.86
N ALA C 226 27.96 -27.66 9.89
CA ALA C 226 28.82 -26.62 10.43
C ALA C 226 29.75 -27.11 11.52
N GLY C 227 29.56 -28.35 11.98
CA GLY C 227 30.39 -28.90 13.05
C GLY C 227 30.29 -28.16 14.36
N GLN C 228 29.18 -27.43 14.58
CA GLN C 228 29.05 -26.54 15.72
C GLN C 228 27.66 -25.89 15.74
N GLU C 229 27.15 -25.56 16.91
CA GLU C 229 25.88 -24.86 17.01
C GLU C 229 26.12 -23.34 17.04
N PHE C 230 25.17 -22.61 16.45
CA PHE C 230 25.22 -21.16 16.40
C PHE C 230 23.82 -20.65 16.10
N ASN C 231 23.61 -19.35 16.33
CA ASN C 231 22.32 -18.75 16.02
C ASN C 231 22.27 -18.50 14.52
N ILE C 232 21.57 -19.38 13.80
CA ILE C 232 21.48 -19.27 12.34
C ILE C 232 20.82 -17.96 11.92
N ASN C 233 19.97 -17.38 12.78
CA ASN C 233 19.27 -16.14 12.46
C ASN C 233 20.10 -14.89 12.60
N SER C 234 21.31 -15.01 13.13
CA SER C 234 22.21 -13.88 13.22
C SER C 234 23.03 -13.79 11.95
N PRO C 235 22.84 -12.76 11.11
CA PRO C 235 23.78 -12.55 10.00
C PRO C 235 25.23 -12.45 10.42
N LYS C 236 25.51 -12.10 11.68
CA LYS C 236 26.90 -11.99 12.11
C LYS C 236 27.51 -13.37 12.35
N GLN C 237 26.88 -14.16 13.22
CA GLN C 237 27.39 -15.50 13.52
C GLN C 237 27.45 -16.36 12.27
N LEU C 238 26.39 -16.31 11.46
CA LEU C 238 26.36 -17.10 10.23
C LEU C 238 27.51 -16.74 9.30
N GLY C 239 27.82 -15.44 9.19
CA GLY C 239 28.94 -15.02 8.37
C GLY C 239 30.27 -15.56 8.88
N VAL C 240 30.36 -15.83 10.18
CA VAL C 240 31.57 -16.44 10.72
C VAL C 240 31.65 -17.91 10.35
N ILE C 241 30.54 -18.65 10.47
CA ILE C 241 30.53 -20.04 10.05
C ILE C 241 30.89 -20.14 8.58
N LEU C 242 30.22 -19.35 7.74
CA LEU C 242 30.36 -19.46 6.29
C LEU C 242 31.73 -18.96 5.82
N PHE C 243 32.06 -17.72 6.17
CA PHE C 243 33.16 -17.03 5.49
C PHE C 243 34.47 -17.09 6.24
N GLU C 244 34.48 -17.53 7.49
CA GLU C 244 35.72 -17.73 8.22
C GLU C 244 35.98 -19.19 8.53
N LYS C 245 35.01 -19.89 9.11
CA LYS C 245 35.21 -21.30 9.48
C LYS C 245 35.19 -22.20 8.24
N LEU C 246 34.15 -22.09 7.43
CA LEU C 246 34.05 -22.94 6.25
C LEU C 246 34.80 -22.39 5.05
N GLN C 247 35.32 -21.16 5.13
CA GLN C 247 36.20 -20.57 4.12
C GLN C 247 35.47 -20.28 2.82
N LEU C 248 34.15 -20.10 2.86
CA LEU C 248 33.42 -19.84 1.63
C LEU C 248 33.82 -18.48 1.05
N PRO C 249 33.87 -18.37 -0.29
CA PRO C 249 34.30 -17.10 -0.90
C PRO C 249 33.35 -15.96 -0.58
N VAL C 250 33.91 -14.77 -0.38
CA VAL C 250 33.13 -13.57 -0.07
C VAL C 250 32.89 -12.84 -1.38
N LEU C 251 31.69 -12.98 -1.93
CA LEU C 251 31.31 -12.34 -3.17
C LEU C 251 30.69 -10.96 -2.96
N LYS C 252 30.35 -10.61 -1.73
CA LYS C 252 29.65 -9.36 -1.44
C LYS C 252 29.86 -9.01 0.03
N LYS C 253 30.45 -7.85 0.28
CA LYS C 253 30.61 -7.34 1.64
C LYS C 253 29.49 -6.35 1.94
N THR C 254 29.04 -6.35 3.20
CA THR C 254 28.10 -5.32 3.63
C THR C 254 28.89 -4.11 4.12
N LYS C 255 28.37 -3.42 5.14
CA LYS C 255 29.11 -2.32 5.76
C LYS C 255 29.86 -2.72 7.00
N THR C 256 29.37 -3.68 7.78
CA THR C 256 30.07 -4.16 8.96
C THR C 256 30.78 -5.49 8.72
N GLY C 257 30.18 -6.39 7.97
CA GLY C 257 30.80 -7.66 7.68
C GLY C 257 30.55 -8.15 6.27
N TYR C 258 29.96 -9.33 6.15
CA TYR C 258 29.71 -9.95 4.86
C TYR C 258 28.22 -10.12 4.64
N SER C 259 27.81 -10.01 3.38
CA SER C 259 26.41 -10.19 3.03
C SER C 259 26.06 -11.67 3.00
N THR C 260 24.97 -12.04 3.68
CA THR C 260 24.43 -13.39 3.61
C THR C 260 23.03 -13.40 2.96
N SER C 261 22.76 -12.43 2.09
CA SER C 261 21.46 -12.36 1.43
C SER C 261 21.24 -13.59 0.56
N ALA C 262 19.96 -13.94 0.35
CA ALA C 262 19.64 -15.14 -0.43
C ALA C 262 20.34 -15.12 -1.78
N ASP C 263 20.41 -13.94 -2.42
CA ASP C 263 21.07 -13.81 -3.71
C ASP C 263 22.53 -14.25 -3.62
N VAL C 264 23.24 -13.81 -2.58
CA VAL C 264 24.61 -14.25 -2.36
C VAL C 264 24.64 -15.75 -2.09
N LEU C 265 23.72 -16.24 -1.27
CA LEU C 265 23.75 -17.65 -0.91
C LEU C 265 23.51 -18.56 -2.12
N GLU C 266 22.72 -18.11 -3.10
CA GLU C 266 22.53 -18.88 -4.32
C GLU C 266 23.87 -19.27 -4.93
N LYS C 267 24.78 -18.30 -5.02
CA LYS C 267 26.06 -18.52 -5.69
C LYS C 267 26.99 -19.41 -4.88
N LEU C 268 26.77 -19.51 -3.56
CA LEU C 268 27.67 -20.28 -2.70
C LEU C 268 27.25 -21.73 -2.55
N ALA C 269 25.99 -22.05 -2.84
CA ALA C 269 25.51 -23.42 -2.69
C ALA C 269 26.38 -24.48 -3.34
N PRO C 270 26.99 -24.27 -4.53
CA PRO C 270 27.88 -25.30 -5.07
C PRO C 270 29.06 -25.67 -4.17
N TYR C 271 29.49 -24.76 -3.29
CA TYR C 271 30.71 -25.00 -2.51
C TYR C 271 30.47 -25.81 -1.25
N HIS C 272 29.25 -25.85 -0.73
CA HIS C 272 29.05 -26.53 0.54
C HIS C 272 27.58 -26.87 0.74
N GLU C 273 27.32 -28.09 1.25
CA GLU C 273 25.98 -28.57 1.53
C GLU C 273 25.23 -27.71 2.54
N ILE C 274 25.97 -26.94 3.35
CA ILE C 274 25.31 -26.12 4.36
C ILE C 274 24.45 -25.03 3.72
N VAL C 275 24.87 -24.51 2.55
CA VAL C 275 24.23 -23.30 2.04
C VAL C 275 22.75 -23.55 1.71
N GLU C 276 22.46 -24.67 1.01
CA GLU C 276 21.08 -24.97 0.65
C GLU C 276 20.21 -25.15 1.88
N ASN C 277 20.77 -25.74 2.93
CA ASN C 277 20.03 -25.90 4.18
C ASN C 277 19.79 -24.55 4.85
N ILE C 278 20.77 -23.64 4.81
CA ILE C 278 20.54 -22.30 5.35
C ILE C 278 19.46 -21.57 4.55
N LEU C 279 19.52 -21.68 3.23
CA LEU C 279 18.45 -21.16 2.41
C LEU C 279 17.10 -21.73 2.85
N HIS C 280 17.00 -23.06 2.88
CA HIS C 280 15.74 -23.72 3.29
C HIS C 280 15.33 -23.31 4.69
N TYR C 281 16.30 -23.23 5.61
CA TYR C 281 16.00 -22.76 6.96
C TYR C 281 15.41 -21.35 6.94
N ARG C 282 15.94 -20.49 6.06
CA ARG C 282 15.50 -19.10 6.00
C ARG C 282 14.07 -18.98 5.50
N GLN C 283 13.73 -19.71 4.43
CA GLN C 283 12.37 -19.67 3.91
C GLN C 283 11.39 -20.18 4.95
N LEU C 284 11.69 -21.34 5.54
CA LEU C 284 10.86 -21.90 6.58
C LEU C 284 10.69 -20.94 7.75
N GLY C 285 11.79 -20.30 8.18
CA GLY C 285 11.72 -19.37 9.30
C GLY C 285 10.96 -18.10 8.97
N LYS C 286 11.01 -17.67 7.71
CA LYS C 286 10.25 -16.50 7.29
C LYS C 286 8.75 -16.76 7.37
N LEU C 287 8.31 -17.92 6.89
CA LEU C 287 6.90 -18.28 7.00
C LEU C 287 6.48 -18.39 8.47
N GLN C 288 7.30 -19.07 9.27
CA GLN C 288 6.92 -19.35 10.65
C GLN C 288 6.81 -18.07 11.47
N SER C 289 7.77 -17.16 11.34
CA SER C 289 7.80 -16.01 12.23
C SER C 289 6.89 -14.89 11.74
N THR C 290 6.89 -14.63 10.44
CA THR C 290 6.13 -13.50 9.92
C THR C 290 4.71 -13.85 9.56
N TYR C 291 4.49 -15.02 8.97
CA TYR C 291 3.18 -15.33 8.40
C TYR C 291 2.38 -16.34 9.21
N ILE C 292 2.99 -17.07 10.14
CA ILE C 292 2.21 -17.93 11.03
C ILE C 292 2.06 -17.22 12.37
N GLU C 293 3.17 -17.13 13.11
CA GLU C 293 3.17 -16.42 14.38
C GLU C 293 2.72 -14.98 14.20
N GLY C 294 3.23 -14.31 13.16
CA GLY C 294 2.89 -12.91 12.95
C GLY C 294 1.41 -12.69 12.78
N LEU C 295 0.77 -13.52 11.95
CA LEU C 295 -0.66 -13.37 11.70
C LEU C 295 -1.48 -13.71 12.94
N LEU C 296 -1.16 -14.85 13.57
CA LEU C 296 -1.92 -15.26 14.74
C LEU C 296 -1.91 -14.18 15.82
N LYS C 297 -0.82 -13.41 15.92
CA LYS C 297 -0.75 -12.37 16.96
C LYS C 297 -1.81 -11.28 16.77
N VAL C 298 -2.26 -11.06 15.53
CA VAL C 298 -3.15 -9.93 15.23
C VAL C 298 -4.57 -10.35 14.89
N VAL C 299 -4.86 -11.66 14.88
CA VAL C 299 -6.23 -12.13 14.76
C VAL C 299 -7.02 -11.79 16.01
N ARG C 300 -8.23 -11.29 15.83
CA ARG C 300 -9.10 -11.04 16.98
C ARG C 300 -9.65 -12.36 17.49
N PRO C 301 -9.37 -12.76 18.73
CA PRO C 301 -9.78 -14.10 19.17
C PRO C 301 -11.28 -14.30 19.18
N ASP C 302 -12.08 -13.24 19.28
CA ASP C 302 -13.52 -13.41 19.31
C ASP C 302 -14.06 -13.75 17.92
N THR C 303 -13.66 -12.99 16.92
CA THR C 303 -14.19 -13.14 15.57
C THR C 303 -13.25 -13.89 14.64
N LYS C 304 -12.00 -14.11 15.04
CA LYS C 304 -11.03 -14.79 14.19
C LYS C 304 -10.85 -14.06 12.87
N LYS C 305 -11.02 -12.74 12.91
CA LYS C 305 -10.75 -11.86 11.78
C LYS C 305 -9.49 -11.03 12.03
N VAL C 306 -8.82 -10.67 10.94
CA VAL C 306 -7.79 -9.64 10.98
C VAL C 306 -8.38 -8.39 10.35
N HIS C 307 -8.09 -7.24 10.95
CA HIS C 307 -8.56 -5.93 10.49
C HIS C 307 -7.31 -5.12 10.20
N THR C 308 -6.85 -5.17 8.96
CA THR C 308 -5.72 -4.35 8.57
C THR C 308 -6.10 -2.87 8.63
N ILE C 309 -5.08 -2.03 8.63
CA ILE C 309 -5.26 -0.59 8.47
C ILE C 309 -4.59 -0.20 7.17
N PHE C 310 -5.36 0.35 6.24
CA PHE C 310 -4.80 0.83 4.98
C PHE C 310 -4.30 2.25 5.19
N ASN C 311 -2.99 2.46 5.06
CA ASN C 311 -2.48 3.82 5.15
C ASN C 311 -2.68 4.46 3.78
N GLN C 312 -3.61 5.39 3.71
CA GLN C 312 -3.94 6.03 2.45
C GLN C 312 -3.06 7.22 2.13
N ALA C 313 -2.32 7.73 3.12
CA ALA C 313 -1.59 8.98 2.93
C ALA C 313 -0.12 8.78 3.22
N LEU C 314 0.49 7.75 2.63
CA LEU C 314 1.87 7.44 2.98
C LEU C 314 2.80 7.28 1.78
N THR C 315 2.47 6.44 0.80
CA THR C 315 3.44 6.19 -0.27
C THR C 315 3.63 7.43 -1.15
N GLN C 316 4.82 7.53 -1.74
CA GLN C 316 5.16 8.67 -2.57
C GLN C 316 4.54 8.58 -3.95
N THR C 317 3.90 7.45 -4.28
CA THR C 317 3.37 7.23 -5.61
C THR C 317 1.85 7.21 -5.68
N GLY C 318 1.15 7.12 -4.55
CA GLY C 318 -0.29 7.02 -4.54
C GLY C 318 -0.80 5.64 -4.22
N ARG C 319 0.10 4.67 -4.12
CA ARG C 319 -0.28 3.35 -3.65
C ARG C 319 -0.74 3.42 -2.21
N LEU C 320 -1.66 2.54 -1.87
CA LEU C 320 -1.93 2.24 -0.46
C LEU C 320 -0.77 1.47 0.15
N SER C 321 -0.70 1.49 1.49
CA SER C 321 0.04 0.47 2.20
C SER C 321 -0.89 -0.13 3.26
N SER C 322 -0.45 -1.24 3.83
CA SER C 322 -1.30 -2.08 4.68
C SER C 322 -0.52 -2.46 5.93
N THR C 323 -1.14 -2.33 7.11
CA THR C 323 -0.40 -2.62 8.33
C THR C 323 -1.24 -3.42 9.31
N GLU C 324 -0.54 -4.23 10.12
CA GLU C 324 -1.09 -4.81 11.34
C GLU C 324 -2.37 -5.63 11.11
N PRO C 325 -2.33 -6.66 10.26
CA PRO C 325 -1.19 -7.16 9.49
C PRO C 325 -1.06 -6.46 8.15
N ASN C 326 0.13 -6.49 7.57
CA ASN C 326 0.28 -6.21 6.15
C ASN C 326 -0.30 -7.38 5.37
N LEU C 327 -1.41 -7.14 4.67
CA LEU C 327 -2.04 -8.17 3.86
C LEU C 327 -1.68 -8.02 2.40
N GLN C 328 -0.74 -7.13 2.09
CA GLN C 328 -0.32 -6.91 0.72
C GLN C 328 1.00 -7.61 0.41
N ASN C 329 1.52 -8.41 1.34
CA ASN C 329 2.71 -9.20 1.02
C ASN C 329 2.56 -10.66 1.48
N ILE C 330 1.34 -11.20 1.45
CA ILE C 330 1.14 -12.64 1.72
C ILE C 330 1.77 -13.45 0.58
N PRO C 331 2.54 -14.50 0.89
CA PRO C 331 3.32 -15.17 -0.16
C PRO C 331 2.45 -15.75 -1.26
N ILE C 332 3.02 -15.85 -2.46
CA ILE C 332 2.30 -16.42 -3.59
C ILE C 332 3.26 -17.07 -4.57
N ARG C 333 4.50 -16.55 -4.65
CA ARG C 333 5.45 -17.00 -5.66
C ARG C 333 5.79 -18.48 -5.48
N LEU C 334 6.28 -18.85 -4.30
CA LEU C 334 6.62 -20.24 -4.00
C LEU C 334 5.43 -20.96 -3.38
N GLU C 335 5.22 -22.20 -3.81
CA GLU C 335 4.05 -22.97 -3.39
C GLU C 335 3.98 -23.11 -1.87
N GLU C 336 5.11 -23.40 -1.23
CA GLU C 336 5.15 -23.63 0.22
C GLU C 336 4.59 -22.43 0.98
N GLY C 337 4.92 -21.22 0.53
CA GLY C 337 4.41 -20.03 1.17
C GLY C 337 3.02 -19.66 0.70
N ARG C 338 2.70 -19.99 -0.55
CA ARG C 338 1.37 -19.70 -1.09
C ARG C 338 0.28 -20.37 -0.26
N LYS C 339 0.59 -21.52 0.35
CA LYS C 339 -0.37 -22.25 1.14
C LYS C 339 -0.86 -21.44 2.34
N ILE C 340 -0.10 -20.42 2.75
CA ILE C 340 -0.56 -19.50 3.80
C ILE C 340 -1.93 -18.94 3.44
N ARG C 341 -2.18 -18.70 2.15
CA ARG C 341 -3.45 -18.12 1.72
C ARG C 341 -4.61 -19.05 1.95
N GLN C 342 -4.38 -20.34 2.20
CA GLN C 342 -5.48 -21.23 2.50
C GLN C 342 -6.16 -20.85 3.80
N ALA C 343 -5.48 -20.08 4.66
CA ALA C 343 -5.99 -19.67 5.95
C ALA C 343 -6.90 -18.44 5.87
N PHE C 344 -6.97 -17.78 4.72
CA PHE C 344 -7.87 -16.66 4.52
C PHE C 344 -9.12 -17.20 3.84
N VAL C 345 -10.26 -17.08 4.52
CA VAL C 345 -11.46 -17.80 4.13
C VAL C 345 -12.62 -16.82 4.17
N PRO C 346 -13.76 -17.14 3.56
CA PRO C 346 -14.93 -16.24 3.67
C PRO C 346 -15.40 -16.19 5.10
N SER C 347 -16.05 -15.08 5.44
CA SER C 347 -16.48 -14.84 6.81
C SER C 347 -17.88 -15.36 7.08
N GLU C 348 -18.57 -15.91 6.08
CA GLU C 348 -19.89 -16.49 6.28
C GLU C 348 -19.94 -17.81 5.53
N SER C 349 -20.74 -18.76 6.02
CA SER C 349 -20.80 -20.04 5.34
C SER C 349 -21.55 -19.91 4.02
N ASP C 350 -21.13 -20.72 3.05
CA ASP C 350 -21.64 -20.70 1.68
C ASP C 350 -21.30 -19.40 0.94
N TRP C 351 -20.31 -18.65 1.42
CA TRP C 351 -19.69 -17.56 0.67
C TRP C 351 -18.36 -18.01 0.07
N LEU C 352 -17.87 -17.24 -0.88
CA LEU C 352 -16.61 -17.57 -1.56
C LEU C 352 -15.75 -16.32 -1.70
N ILE C 353 -14.45 -16.55 -1.89
CA ILE C 353 -13.48 -15.48 -2.15
C ILE C 353 -13.40 -15.25 -3.65
N PHE C 354 -13.59 -14.01 -4.09
CA PHE C 354 -13.46 -13.60 -5.48
C PHE C 354 -12.29 -12.63 -5.59
N ALA C 355 -11.34 -12.92 -6.47
CA ALA C 355 -10.15 -12.09 -6.65
C ALA C 355 -10.00 -11.72 -8.11
N ALA C 356 -9.84 -10.43 -8.40
CA ALA C 356 -9.65 -9.96 -9.76
C ALA C 356 -8.42 -9.07 -9.81
N ASP C 357 -7.60 -9.27 -10.85
CA ASP C 357 -6.33 -8.56 -10.96
C ASP C 357 -6.14 -8.02 -12.37
N TYR C 358 -5.58 -6.82 -12.43
CA TYR C 358 -5.20 -6.24 -13.70
C TYR C 358 -4.03 -7.02 -14.29
N SER C 359 -4.12 -7.33 -15.56
CA SER C 359 -3.02 -7.95 -16.28
C SER C 359 -2.10 -6.84 -16.80
N GLN C 360 -0.91 -6.73 -16.21
CA GLN C 360 0.17 -5.84 -16.71
C GLN C 360 -0.29 -4.38 -16.81
N ILE C 361 -0.95 -3.90 -15.75
CA ILE C 361 -1.49 -2.54 -15.82
C ILE C 361 -0.37 -1.51 -16.00
N GLU C 362 0.78 -1.74 -15.35
CA GLU C 362 1.85 -0.73 -15.43
C GLU C 362 2.39 -0.59 -16.84
N LEU C 363 2.66 -1.71 -17.52
CA LEU C 363 3.11 -1.63 -18.91
C LEU C 363 2.02 -1.10 -19.82
N ARG C 364 0.75 -1.42 -19.53
CA ARG C 364 -0.34 -0.86 -20.31
C ARG C 364 -0.43 0.66 -20.14
N VAL C 365 -0.31 1.13 -18.90
CA VAL C 365 -0.22 2.57 -18.64
C VAL C 365 0.97 3.19 -19.36
N LEU C 366 2.11 2.50 -19.34
CA LEU C 366 3.28 3.01 -20.04
C LEU C 366 3.03 3.12 -21.54
N ALA C 367 2.39 2.10 -22.12
CA ALA C 367 2.03 2.16 -23.54
C ALA C 367 1.23 3.40 -23.83
N HIS C 368 0.27 3.70 -22.95
CA HIS C 368 -0.64 4.81 -23.16
C HIS C 368 0.08 6.16 -23.02
N ILE C 369 0.84 6.35 -21.93
CA ILE C 369 1.42 7.68 -21.71
C ILE C 369 2.59 7.93 -22.66
N ALA C 370 3.27 6.88 -23.13
CA ALA C 370 4.38 7.04 -24.07
C ALA C 370 3.91 7.09 -25.51
N GLU C 371 2.69 6.62 -25.78
CA GLU C 371 2.19 6.46 -27.14
C GLU C 371 3.22 5.77 -28.01
N ASP C 372 3.77 4.68 -27.47
CA ASP C 372 4.71 3.87 -28.25
C ASP C 372 3.91 2.97 -29.17
N ASP C 373 4.10 3.15 -30.48
CA ASP C 373 3.32 2.39 -31.44
C ASP C 373 3.48 0.90 -31.23
N ASN C 374 4.73 0.45 -31.05
CA ASN C 374 5.00 -0.98 -30.90
C ASN C 374 4.38 -1.54 -29.63
N LEU C 375 4.63 -0.88 -28.50
CA LEU C 375 4.07 -1.33 -27.24
C LEU C 375 2.55 -1.32 -27.26
N MET C 376 1.93 -0.26 -27.81
CA MET C 376 0.47 -0.22 -27.87
C MET C 376 -0.08 -1.33 -28.75
N GLU C 377 0.53 -1.55 -29.91
CA GLU C 377 0.07 -2.62 -30.80
C GLU C 377 0.17 -3.98 -30.11
N ALA C 378 1.25 -4.19 -29.34
CA ALA C 378 1.41 -5.46 -28.63
C ALA C 378 0.23 -5.69 -27.71
N PHE C 379 -0.19 -4.68 -26.95
CA PHE C 379 -1.33 -4.87 -26.07
C PHE C 379 -2.63 -4.96 -26.86
N ARG C 380 -2.77 -4.19 -27.94
CA ARG C 380 -3.98 -4.33 -28.74
C ARG C 380 -4.13 -5.73 -29.30
N ARG C 381 -3.01 -6.41 -29.59
CA ARG C 381 -3.06 -7.81 -30.01
C ARG C 381 -3.14 -8.77 -28.83
N ASP C 382 -3.17 -8.24 -27.60
CA ASP C 382 -3.15 -9.04 -26.37
C ASP C 382 -2.02 -10.06 -26.37
N LEU C 383 -0.84 -9.63 -26.80
CA LEU C 383 0.30 -10.52 -26.84
C LEU C 383 0.80 -10.82 -25.43
N ASP C 384 1.52 -11.92 -25.29
CA ASP C 384 2.34 -12.10 -24.10
C ASP C 384 3.46 -11.06 -24.15
N ILE C 385 3.41 -10.06 -23.27
CA ILE C 385 4.31 -8.91 -23.45
C ILE C 385 5.77 -9.31 -23.24
N HIS C 386 6.03 -10.27 -22.36
CA HIS C 386 7.42 -10.67 -22.11
C HIS C 386 8.01 -11.40 -23.31
N THR C 387 7.24 -12.29 -23.92
CA THR C 387 7.68 -12.95 -25.15
C THR C 387 7.84 -11.95 -26.29
N LYS C 388 6.89 -11.02 -26.43
CA LYS C 388 7.00 -10.03 -27.49
C LYS C 388 8.24 -9.17 -27.30
N THR C 389 8.54 -8.77 -26.06
CA THR C 389 9.74 -7.98 -25.82
C THR C 389 10.99 -8.77 -26.16
N ALA C 390 11.01 -10.06 -25.82
CA ALA C 390 12.15 -10.90 -26.18
C ALA C 390 12.33 -11.00 -27.69
N MET C 391 11.23 -11.20 -28.42
CA MET C 391 11.29 -11.23 -29.88
C MET C 391 11.97 -9.98 -30.41
N ASP C 392 11.61 -8.81 -29.87
CA ASP C 392 12.15 -7.54 -30.36
C ASP C 392 13.59 -7.34 -29.93
N ILE C 393 13.89 -7.55 -28.65
CA ILE C 393 15.23 -7.30 -28.14
C ILE C 393 16.22 -8.23 -28.82
N PHE C 394 15.87 -9.49 -28.96
CA PHE C 394 16.81 -10.49 -29.48
C PHE C 394 16.62 -10.78 -30.96
N GLN C 395 15.65 -10.11 -31.61
CA GLN C 395 15.46 -10.17 -33.06
C GLN C 395 15.25 -11.61 -33.54
N VAL C 396 14.26 -12.26 -32.92
CA VAL C 396 13.89 -13.61 -33.29
C VAL C 396 12.37 -13.67 -33.43
N SER C 397 11.89 -14.76 -34.01
CA SER C 397 10.47 -15.00 -34.10
C SER C 397 9.97 -15.62 -32.79
N GLU C 398 8.66 -15.67 -32.66
CA GLU C 398 8.06 -16.23 -31.44
C GLU C 398 8.57 -17.65 -31.19
N ASP C 399 8.62 -18.46 -32.25
CA ASP C 399 9.07 -19.84 -32.13
C ASP C 399 10.47 -19.96 -31.55
N GLU C 400 11.29 -18.93 -31.72
CA GLU C 400 12.68 -19.01 -31.31
C GLU C 400 12.94 -18.38 -29.96
N VAL C 401 11.91 -17.95 -29.25
CA VAL C 401 12.11 -17.41 -27.90
C VAL C 401 12.32 -18.58 -26.95
N THR C 402 13.49 -18.64 -26.34
CA THR C 402 13.73 -19.69 -25.37
C THR C 402 13.25 -19.24 -24.00
N PRO C 403 13.07 -20.18 -23.07
CA PRO C 403 12.73 -19.78 -21.70
C PRO C 403 13.68 -18.73 -21.13
N ASN C 404 14.99 -18.88 -21.34
CA ASN C 404 15.92 -17.89 -20.76
C ASN C 404 15.75 -16.52 -21.41
N MET C 405 15.53 -16.46 -22.72
CA MET C 405 15.26 -15.17 -23.36
C MET C 405 14.04 -14.49 -22.76
N ARG C 406 12.96 -15.24 -22.58
CA ARG C 406 11.76 -14.62 -22.00
C ARG C 406 12.04 -14.11 -20.60
N ARG C 407 12.79 -14.89 -19.81
CA ARG C 407 13.09 -14.47 -18.43
C ARG C 407 13.89 -13.18 -18.43
N GLN C 408 14.87 -13.07 -19.33
CA GLN C 408 15.67 -11.85 -19.41
C GLN C 408 14.84 -10.68 -19.92
N ALA C 409 13.96 -10.91 -20.89
CA ALA C 409 13.11 -9.83 -21.38
C ALA C 409 12.14 -9.37 -20.30
N LYS C 410 11.63 -10.30 -19.49
CA LYS C 410 10.76 -9.94 -18.38
C LYS C 410 11.48 -9.01 -17.42
N ALA C 411 12.74 -9.30 -17.10
CA ALA C 411 13.50 -8.47 -16.18
C ALA C 411 13.74 -7.08 -16.75
N VAL C 412 14.00 -6.98 -18.06
CA VAL C 412 14.08 -5.67 -18.69
C VAL C 412 12.77 -4.92 -18.53
N ASN C 413 11.64 -5.62 -18.71
CA ASN C 413 10.33 -4.97 -18.59
C ASN C 413 10.10 -4.45 -17.18
N PHE C 414 10.59 -5.18 -16.17
CA PHE C 414 10.50 -4.69 -14.79
C PHE C 414 11.39 -3.47 -14.60
N GLY C 415 12.62 -3.53 -15.10
CA GLY C 415 13.50 -2.37 -15.01
C GLY C 415 12.95 -1.15 -15.71
N ILE C 416 12.38 -1.34 -16.91
CA ILE C 416 11.80 -0.21 -17.64
C ILE C 416 10.74 0.47 -16.78
N VAL C 417 9.92 -0.32 -16.09
CA VAL C 417 8.88 0.24 -15.22
C VAL C 417 9.50 0.96 -14.03
N TYR C 418 10.56 0.38 -13.44
CA TYR C 418 11.12 0.90 -12.21
C TYR C 418 12.04 2.10 -12.41
N GLY C 419 12.45 2.38 -13.65
CA GLY C 419 13.49 3.35 -13.92
C GLY C 419 14.75 2.63 -14.35
N ILE C 420 14.93 2.51 -15.66
CA ILE C 420 15.98 1.65 -16.19
C ILE C 420 17.34 2.28 -15.96
N SER C 421 18.33 1.44 -15.67
CA SER C 421 19.71 1.88 -15.53
C SER C 421 20.61 0.65 -15.70
N ASP C 422 21.73 0.85 -16.39
CA ASP C 422 22.65 -0.23 -16.75
C ASP C 422 22.98 -1.10 -15.54
N TYR C 423 23.15 -0.47 -14.37
CA TYR C 423 23.68 -1.15 -13.19
C TYR C 423 22.65 -1.99 -12.44
N GLY C 424 21.42 -1.51 -12.29
CA GLY C 424 20.43 -2.26 -11.53
C GLY C 424 19.84 -3.44 -12.29
N LEU C 425 19.83 -3.38 -13.62
CA LEU C 425 19.46 -4.56 -14.38
C LEU C 425 20.58 -5.60 -14.35
N ALA C 426 21.83 -5.15 -14.57
CA ALA C 426 22.98 -6.03 -14.45
C ALA C 426 22.93 -6.83 -13.14
N GLN C 427 22.67 -6.13 -12.05
CA GLN C 427 22.54 -6.78 -10.75
C GLN C 427 21.45 -7.84 -10.78
N ASN C 428 20.27 -7.48 -11.30
CA ASN C 428 19.13 -8.38 -11.33
C ASN C 428 19.42 -9.63 -12.15
N LEU C 429 20.07 -9.48 -13.30
CA LEU C 429 20.27 -10.59 -14.22
C LEU C 429 21.61 -11.30 -14.01
N ASN C 430 22.40 -10.85 -13.03
CA ASN C 430 23.75 -11.35 -12.80
C ASN C 430 24.59 -11.31 -14.08
N ILE C 431 24.60 -10.14 -14.73
CA ILE C 431 25.38 -9.90 -15.93
C ILE C 431 26.21 -8.64 -15.74
N SER C 432 27.04 -8.33 -16.73
CA SER C 432 27.87 -7.14 -16.65
C SER C 432 27.07 -5.87 -16.95
N ARG C 433 27.69 -4.71 -16.69
CA ARG C 433 27.02 -3.45 -16.98
C ARG C 433 26.94 -3.19 -18.47
N LYS C 434 28.04 -3.42 -19.20
CA LYS C 434 28.00 -3.25 -20.65
C LYS C 434 26.96 -4.18 -21.28
N GLU C 435 26.84 -5.41 -20.78
CA GLU C 435 25.82 -6.32 -21.29
C GLU C 435 24.42 -5.78 -21.01
N ALA C 436 24.18 -5.34 -19.77
CA ALA C 436 22.88 -4.78 -19.43
C ALA C 436 22.59 -3.52 -20.22
N ALA C 437 23.62 -2.69 -20.46
CA ALA C 437 23.42 -1.50 -21.30
C ALA C 437 23.03 -1.87 -22.72
N GLU C 438 23.56 -2.98 -23.24
CA GLU C 438 23.17 -3.40 -24.58
C GLU C 438 21.72 -3.83 -24.61
N PHE C 439 21.25 -4.51 -23.56
CA PHE C 439 19.84 -4.88 -23.49
C PHE C 439 18.95 -3.64 -23.54
N ILE C 440 19.28 -2.65 -22.70
CA ILE C 440 18.50 -1.42 -22.63
C ILE C 440 18.53 -0.69 -23.96
N GLU C 441 19.71 -0.60 -24.59
CA GLU C 441 19.78 0.03 -25.90
C GLU C 441 18.92 -0.70 -26.91
N ARG C 442 18.88 -2.03 -26.84
CA ARG C 442 18.05 -2.77 -27.78
C ARG C 442 16.58 -2.64 -27.44
N TYR C 443 16.25 -2.49 -26.16
CA TYR C 443 14.86 -2.19 -25.82
C TYR C 443 14.44 -0.86 -26.41
N PHE C 444 15.28 0.17 -26.28
CA PHE C 444 14.88 1.49 -26.73
C PHE C 444 14.86 1.58 -28.25
N GLU C 445 15.68 0.78 -28.95
CA GLU C 445 15.54 0.67 -30.39
C GLU C 445 14.21 0.04 -30.78
N SER C 446 13.69 -0.89 -29.97
CA SER C 446 12.43 -1.55 -30.31
C SER C 446 11.21 -0.75 -29.85
N PHE C 447 11.36 0.06 -28.81
CA PHE C 447 10.27 0.88 -28.29
C PHE C 447 10.73 2.34 -28.23
N PRO C 448 10.89 2.99 -29.39
CA PRO C 448 11.42 4.36 -29.39
C PRO C 448 10.49 5.37 -28.74
N GLY C 449 9.20 5.06 -28.65
CA GLY C 449 8.29 5.94 -27.94
C GLY C 449 8.51 5.90 -26.44
N VAL C 450 8.82 4.73 -25.90
CA VAL C 450 9.20 4.63 -24.49
C VAL C 450 10.48 5.41 -24.22
N LYS C 451 11.45 5.31 -25.13
CA LYS C 451 12.69 6.08 -24.97
C LYS C 451 12.39 7.57 -24.96
N ARG C 452 11.61 8.04 -25.93
CA ARG C 452 11.20 9.44 -25.95
C ARG C 452 10.49 9.82 -24.65
N TYR C 453 9.63 8.95 -24.14
CA TYR C 453 8.91 9.29 -22.91
C TYR C 453 9.87 9.43 -21.73
N MET C 454 10.84 8.51 -21.63
CA MET C 454 11.78 8.57 -20.51
C MET C 454 12.61 9.85 -20.56
N GLU C 455 13.10 10.22 -21.75
CA GLU C 455 13.83 11.47 -21.88
C GLU C 455 12.95 12.66 -21.54
N ASN C 456 11.71 12.67 -22.05
CA ASN C 456 10.89 13.86 -21.92
C ASN C 456 10.42 14.05 -20.47
N ILE C 457 10.07 12.97 -19.79
CA ILE C 457 9.56 13.08 -18.43
C ILE C 457 10.67 13.52 -17.47
N VAL C 458 11.91 13.08 -17.71
CA VAL C 458 13.02 13.58 -16.91
C VAL C 458 13.22 15.08 -17.15
N GLN C 459 13.15 15.51 -18.40
CA GLN C 459 13.30 16.94 -18.69
C GLN C 459 12.16 17.73 -18.07
N GLU C 460 10.94 17.17 -18.09
CA GLU C 460 9.80 17.84 -17.47
C GLU C 460 9.95 17.93 -15.96
N ALA C 461 10.45 16.86 -15.33
CA ALA C 461 10.65 16.90 -13.89
C ALA C 461 11.65 17.98 -13.51
N LYS C 462 12.67 18.17 -14.34
CA LYS C 462 13.65 19.22 -14.11
C LYS C 462 13.04 20.61 -14.32
N GLN C 463 12.20 20.76 -15.35
CA GLN C 463 11.62 22.07 -15.68
C GLN C 463 10.55 22.49 -14.69
N LYS C 464 9.59 21.60 -14.40
CA LYS C 464 8.49 21.91 -13.50
C LYS C 464 8.81 21.67 -12.04
N GLY C 465 9.76 20.79 -11.74
CA GLY C 465 10.07 20.43 -10.37
C GLY C 465 9.30 19.23 -9.83
N TYR C 466 8.40 18.64 -10.64
CA TYR C 466 7.58 17.53 -10.20
C TYR C 466 7.09 16.78 -11.44
N VAL C 467 6.58 15.56 -11.22
CA VAL C 467 5.90 14.80 -12.26
C VAL C 467 4.48 14.54 -11.79
N THR C 468 3.59 14.25 -12.73
CA THR C 468 2.20 13.99 -12.37
C THR C 468 1.73 12.63 -12.88
N THR C 469 0.62 12.17 -12.33
CA THR C 469 -0.05 10.99 -12.83
C THR C 469 -1.28 11.36 -13.63
N LEU C 470 -1.91 10.33 -14.19
CA LEU C 470 -3.12 10.46 -15.00
C LEU C 470 -4.17 11.36 -14.36
N LEU C 471 -4.43 11.18 -13.07
CA LEU C 471 -5.46 11.90 -12.37
C LEU C 471 -4.91 13.05 -11.52
N HIS C 472 -3.68 13.50 -11.84
CA HIS C 472 -3.07 14.75 -11.36
C HIS C 472 -2.49 14.64 -9.97
N ARG C 473 -2.23 13.43 -9.50
CA ARG C 473 -1.38 13.26 -8.35
C ARG C 473 0.01 13.79 -8.69
N ARG C 474 0.74 14.29 -7.71
CA ARG C 474 2.07 14.78 -8.07
C ARG C 474 3.10 14.33 -7.06
N ARG C 475 4.35 14.34 -7.52
CA ARG C 475 5.51 14.02 -6.70
C ARG C 475 6.62 14.99 -7.06
N TYR C 476 7.05 15.79 -6.09
CA TYR C 476 8.15 16.72 -6.29
C TYR C 476 9.47 15.96 -6.25
N LEU C 477 10.40 16.35 -7.11
CA LEU C 477 11.67 15.65 -7.24
C LEU C 477 12.82 16.64 -7.18
N PRO C 478 13.05 17.26 -6.01
CA PRO C 478 14.14 18.26 -5.92
C PRO C 478 15.52 17.70 -6.25
N ASP C 479 15.74 16.40 -6.04
CA ASP C 479 17.05 15.81 -6.32
C ASP C 479 17.35 15.70 -7.80
N ILE C 480 16.38 15.96 -8.68
CA ILE C 480 16.65 15.90 -10.10
C ILE C 480 17.78 16.84 -10.52
N THR C 481 18.06 17.89 -9.74
CA THR C 481 19.11 18.85 -10.09
C THR C 481 20.38 18.68 -9.27
N SER C 482 20.47 17.64 -8.45
CA SER C 482 21.65 17.42 -7.62
C SER C 482 22.90 17.18 -8.48
N ARG C 483 24.05 17.63 -7.97
CA ARG C 483 25.31 17.34 -8.66
C ARG C 483 25.94 16.02 -8.21
N ASN C 484 25.30 15.30 -7.29
CA ASN C 484 25.71 13.95 -6.95
C ASN C 484 25.03 12.97 -7.91
N PHE C 485 25.84 12.15 -8.59
CA PHE C 485 25.31 11.26 -9.62
C PHE C 485 24.30 10.27 -9.05
N ASN C 486 24.62 9.69 -7.88
CA ASN C 486 23.72 8.69 -7.30
C ASN C 486 22.38 9.29 -6.93
N VAL C 487 22.39 10.47 -6.32
CA VAL C 487 21.16 11.11 -5.88
C VAL C 487 20.36 11.60 -7.07
N ARG C 488 21.03 12.18 -8.07
CA ARG C 488 20.32 12.65 -9.27
C ARG C 488 19.70 11.48 -10.02
N SER C 489 20.43 10.36 -10.12
CA SER C 489 19.93 9.22 -10.88
C SER C 489 18.68 8.61 -10.23
N PHE C 490 18.67 8.48 -8.91
CA PHE C 490 17.48 7.99 -8.24
C PHE C 490 16.27 8.88 -8.54
N ALA C 491 16.48 10.21 -8.59
CA ALA C 491 15.39 11.13 -8.88
C ALA C 491 14.91 10.99 -10.31
N GLU C 492 15.83 10.77 -11.25
CA GLU C 492 15.41 10.52 -12.63
C GLU C 492 14.64 9.22 -12.74
N ARG C 493 15.05 8.22 -11.98
CA ARG C 493 14.33 6.96 -12.04
C ARG C 493 12.94 7.13 -11.45
N MET C 494 12.82 7.96 -10.41
CA MET C 494 11.51 8.25 -9.84
C MET C 494 10.67 9.06 -10.82
N ALA C 495 11.31 9.96 -11.58
CA ALA C 495 10.58 10.70 -12.60
C ALA C 495 9.98 9.75 -13.62
N MET C 496 10.72 8.70 -13.99
CA MET C 496 10.21 7.73 -14.96
C MET C 496 9.14 6.82 -14.34
N ASN C 497 9.35 6.36 -13.12
CA ASN C 497 8.47 5.34 -12.55
C ASN C 497 7.19 5.91 -11.94
N THR C 498 7.24 7.12 -11.37
CA THR C 498 6.09 7.58 -10.62
C THR C 498 4.85 7.80 -11.48
N PRO C 499 4.93 8.41 -12.68
CA PRO C 499 3.72 8.48 -13.50
C PRO C 499 3.17 7.11 -13.85
N ILE C 500 4.01 6.09 -13.90
CA ILE C 500 3.52 4.75 -14.21
C ILE C 500 2.86 4.11 -12.99
N GLN C 501 3.65 3.90 -11.93
CA GLN C 501 3.11 3.32 -10.70
C GLN C 501 1.95 4.13 -10.18
N GLY C 502 2.08 5.46 -10.18
CA GLY C 502 1.02 6.31 -9.65
C GLY C 502 -0.23 6.29 -10.49
N SER C 503 -0.09 6.28 -11.81
CA SER C 503 -1.27 6.22 -12.65
C SER C 503 -2.02 4.90 -12.44
N ALA C 504 -1.27 3.78 -12.32
CA ALA C 504 -1.91 2.51 -12.03
C ALA C 504 -2.61 2.53 -10.68
N ALA C 505 -2.05 3.25 -9.71
CA ALA C 505 -2.73 3.44 -8.43
C ALA C 505 -3.99 4.25 -8.62
N ASP C 506 -3.94 5.34 -9.41
CA ASP C 506 -5.15 6.13 -9.66
C ASP C 506 -6.26 5.24 -10.20
N ILE C 507 -5.93 4.39 -11.17
CA ILE C 507 -6.93 3.62 -11.89
C ILE C 507 -7.59 2.61 -10.96
N ILE C 508 -6.81 1.87 -10.19
CA ILE C 508 -7.43 0.90 -9.29
C ILE C 508 -8.25 1.59 -8.20
N LYS C 509 -7.82 2.78 -7.74
CA LYS C 509 -8.66 3.52 -6.77
C LYS C 509 -9.99 3.93 -7.38
N LYS C 510 -9.98 4.40 -8.62
CA LYS C 510 -11.24 4.74 -9.29
C LYS C 510 -12.11 3.50 -9.49
N ALA C 511 -11.48 2.38 -9.87
CA ALA C 511 -12.21 1.13 -10.00
C ALA C 511 -12.92 0.77 -8.70
N MET C 512 -12.23 0.92 -7.58
CA MET C 512 -12.80 0.58 -6.28
C MET C 512 -14.05 1.40 -6.02
N ILE C 513 -13.97 2.71 -6.25
CA ILE C 513 -15.13 3.59 -6.10
C ILE C 513 -16.25 3.14 -7.04
N ASP C 514 -15.92 2.91 -8.32
CA ASP C 514 -16.92 2.50 -9.30
C ASP C 514 -17.52 1.16 -8.93
N LEU C 515 -16.68 0.24 -8.44
CA LEU C 515 -17.19 -1.09 -8.05
C LEU C 515 -18.12 -1.01 -6.85
N ASN C 516 -17.76 -0.22 -5.84
CA ASN C 516 -18.62 -0.05 -4.67
C ASN C 516 -19.98 0.52 -5.06
N ALA C 517 -20.01 1.46 -6.01
CA ALA C 517 -21.28 1.99 -6.48
C ALA C 517 -22.09 0.93 -7.22
N ARG C 518 -21.44 0.16 -8.10
CA ARG C 518 -22.17 -0.84 -8.87
C ARG C 518 -22.74 -1.92 -7.95
N LEU C 519 -21.95 -2.35 -6.96
CA LEU C 519 -22.44 -3.39 -6.04
C LEU C 519 -23.68 -2.93 -5.29
N LYS C 520 -23.77 -1.64 -4.96
CA LYS C 520 -24.94 -1.13 -4.25
C LYS C 520 -26.13 -1.02 -5.20
N GLU C 521 -25.92 -0.45 -6.38
CA GLU C 521 -26.95 -0.44 -7.41
C GLU C 521 -27.54 -1.82 -7.65
N GLU C 522 -26.68 -2.83 -7.71
CA GLU C 522 -27.10 -4.19 -7.99
C GLU C 522 -27.63 -4.91 -6.77
N ARG C 523 -27.56 -4.29 -5.58
CA ARG C 523 -28.05 -4.90 -4.34
C ARG C 523 -27.34 -6.22 -4.04
N LEU C 524 -26.06 -6.33 -4.43
CA LEU C 524 -25.28 -7.52 -4.13
C LEU C 524 -24.76 -7.47 -2.70
N GLN C 525 -24.61 -8.62 -2.08
CA GLN C 525 -24.02 -8.73 -0.75
C GLN C 525 -22.51 -8.83 -0.79
N ALA C 526 -21.95 -9.01 -1.98
CA ALA C 526 -20.50 -9.02 -2.15
C ALA C 526 -19.88 -7.79 -1.52
N ARG C 527 -18.74 -7.98 -0.88
CA ARG C 527 -18.06 -6.87 -0.25
C ARG C 527 -16.58 -6.94 -0.61
N LEU C 528 -16.02 -5.77 -0.89
CA LEU C 528 -14.58 -5.59 -0.98
C LEU C 528 -13.94 -5.86 0.38
N LEU C 529 -12.91 -6.71 0.38
CA LEU C 529 -12.10 -6.99 1.55
C LEU C 529 -10.70 -6.40 1.48
N LEU C 530 -10.04 -6.49 0.33
CA LEU C 530 -8.63 -6.14 0.23
C LEU C 530 -8.31 -5.58 -1.14
N GLN C 531 -7.28 -4.73 -1.18
CA GLN C 531 -6.66 -4.26 -2.40
C GLN C 531 -5.17 -4.58 -2.28
N VAL C 532 -4.57 -5.19 -3.32
CA VAL C 532 -3.13 -5.44 -3.31
C VAL C 532 -2.50 -4.82 -4.57
N HIS C 533 -2.60 -3.50 -4.68
CA HIS C 533 -1.94 -2.66 -5.68
C HIS C 533 -2.54 -2.79 -7.08
N ASP C 534 -2.65 -4.02 -7.61
CA ASP C 534 -3.31 -4.18 -8.90
C ASP C 534 -4.40 -5.24 -8.87
N GLU C 535 -4.79 -5.71 -7.69
CA GLU C 535 -5.86 -6.68 -7.58
C GLU C 535 -6.81 -6.25 -6.48
N LEU C 536 -8.07 -6.67 -6.61
CA LEU C 536 -9.09 -6.50 -5.59
C LEU C 536 -9.57 -7.88 -5.13
N ILE C 537 -9.71 -8.04 -3.82
CA ILE C 537 -10.23 -9.27 -3.24
C ILE C 537 -11.59 -8.98 -2.61
N LEU C 538 -12.60 -9.77 -3.00
CA LEU C 538 -13.95 -9.68 -2.44
C LEU C 538 -14.34 -11.02 -1.83
N GLU C 539 -15.37 -10.98 -0.98
CA GLU C 539 -16.10 -12.18 -0.61
C GLU C 539 -17.59 -11.96 -0.91
N ALA C 540 -18.29 -13.05 -1.19
CA ALA C 540 -19.67 -12.94 -1.64
C ALA C 540 -20.38 -14.28 -1.53
N PRO C 541 -21.71 -14.30 -1.43
CA PRO C 541 -22.44 -15.57 -1.49
C PRO C 541 -22.05 -16.34 -2.74
N LYS C 542 -22.05 -17.67 -2.63
CA LYS C 542 -21.76 -18.48 -3.81
C LYS C 542 -22.73 -18.16 -4.94
N GLU C 543 -23.97 -17.81 -4.59
CA GLU C 543 -24.97 -17.46 -5.58
C GLU C 543 -24.67 -16.14 -6.30
N GLU C 544 -23.68 -15.37 -5.87
CA GLU C 544 -23.33 -14.14 -6.59
C GLU C 544 -22.12 -14.30 -7.51
N MET C 545 -21.47 -15.46 -7.56
CA MET C 545 -20.23 -15.57 -8.34
C MET C 545 -20.46 -15.26 -9.82
N GLU C 546 -21.51 -15.83 -10.42
CA GLU C 546 -21.68 -15.67 -11.87
C GLU C 546 -21.87 -14.19 -12.25
N ARG C 547 -22.66 -13.46 -11.46
CA ARG C 547 -22.80 -12.03 -11.71
C ARG C 547 -21.48 -11.30 -11.48
N LEU C 548 -20.72 -11.67 -10.45
CA LEU C 548 -19.44 -10.97 -10.21
C LEU C 548 -18.42 -11.25 -11.30
N CYS C 549 -18.43 -12.47 -11.86
CA CYS C 549 -17.56 -12.78 -12.99
C CYS C 549 -17.77 -11.80 -14.14
N ARG C 550 -18.98 -11.32 -14.34
CA ARG C 550 -19.23 -10.34 -15.38
C ARG C 550 -18.99 -8.93 -14.90
N LEU C 551 -19.42 -8.63 -13.67
CA LEU C 551 -19.47 -7.26 -13.16
C LEU C 551 -18.09 -6.74 -12.81
N VAL C 552 -17.34 -7.46 -11.97
CA VAL C 552 -16.09 -6.91 -11.43
C VAL C 552 -15.08 -6.65 -12.54
N PRO C 553 -14.79 -7.60 -13.44
CA PRO C 553 -13.81 -7.31 -14.51
C PRO C 553 -14.24 -6.15 -15.37
N GLU C 554 -15.56 -6.02 -15.65
CA GLU C 554 -16.01 -4.92 -16.50
C GLU C 554 -15.82 -3.55 -15.81
N VAL C 555 -16.17 -3.46 -14.52
CA VAL C 555 -16.00 -2.20 -13.79
C VAL C 555 -14.52 -1.84 -13.71
N MET C 556 -13.68 -2.83 -13.42
CA MET C 556 -12.24 -2.58 -13.36
C MET C 556 -11.68 -2.19 -14.72
N GLU C 557 -12.14 -2.85 -15.79
CA GLU C 557 -11.60 -2.55 -17.12
C GLU C 557 -12.07 -1.21 -17.67
N GLN C 558 -13.24 -0.72 -17.23
CA GLN C 558 -13.78 0.53 -17.74
C GLN C 558 -13.51 1.71 -16.83
N ALA C 559 -12.70 1.52 -15.79
CA ALA C 559 -12.49 2.60 -14.81
C ALA C 559 -11.91 3.85 -15.47
N VAL C 560 -11.00 3.68 -16.43
CA VAL C 560 -10.54 4.77 -17.29
C VAL C 560 -10.47 4.21 -18.70
N THR C 561 -10.38 5.11 -19.68
CA THR C 561 -10.19 4.71 -21.07
C THR C 561 -8.79 5.11 -21.49
N LEU C 562 -7.98 4.12 -21.84
CA LEU C 562 -6.62 4.34 -22.33
C LEU C 562 -6.54 4.04 -23.81
N ARG C 563 -5.39 4.37 -24.41
CA ARG C 563 -5.17 4.02 -25.81
C ARG C 563 -5.01 2.53 -26.03
N VAL C 564 -4.87 1.76 -24.95
CA VAL C 564 -4.85 0.30 -25.02
C VAL C 564 -5.94 -0.23 -24.10
N PRO C 565 -6.41 -1.45 -24.35
CA PRO C 565 -7.37 -2.07 -23.44
C PRO C 565 -6.77 -2.27 -22.06
N LEU C 566 -7.64 -2.25 -21.06
CA LEU C 566 -7.32 -2.80 -19.76
C LEU C 566 -7.88 -4.22 -19.70
N LYS C 567 -7.10 -5.13 -19.13
CA LYS C 567 -7.47 -6.53 -19.06
C LYS C 567 -7.43 -6.98 -17.60
N VAL C 568 -8.51 -7.62 -17.16
CA VAL C 568 -8.63 -8.11 -15.79
C VAL C 568 -8.82 -9.62 -15.83
N ASP C 569 -7.99 -10.35 -15.09
CA ASP C 569 -8.22 -11.77 -14.85
C ASP C 569 -8.87 -11.94 -13.48
N TYR C 570 -9.62 -13.03 -13.31
CA TYR C 570 -10.43 -13.20 -12.10
C TYR C 570 -10.62 -14.68 -11.81
N HIS C 571 -10.74 -14.99 -10.52
CA HIS C 571 -10.89 -16.38 -10.07
C HIS C 571 -11.64 -16.34 -8.75
N TYR C 572 -12.21 -17.47 -8.38
CA TYR C 572 -12.85 -17.54 -7.08
C TYR C 572 -12.67 -18.94 -6.51
N GLY C 573 -12.93 -19.06 -5.21
CA GLY C 573 -12.68 -20.32 -4.52
C GLY C 573 -13.11 -20.21 -3.07
N SER C 574 -12.99 -21.32 -2.37
CA SER C 574 -13.39 -21.37 -0.97
C SER C 574 -12.35 -20.75 -0.03
N THR C 575 -11.15 -20.48 -0.53
CA THR C 575 -10.14 -19.74 0.22
C THR C 575 -9.44 -18.78 -0.75
N TRP C 576 -8.67 -17.85 -0.18
CA TRP C 576 -7.86 -16.95 -0.99
C TRP C 576 -6.88 -17.71 -1.88
N TYR C 577 -6.29 -18.79 -1.35
CA TYR C 577 -5.41 -19.65 -2.14
C TYR C 577 -6.12 -20.19 -3.37
N ASP C 578 -7.35 -20.68 -3.19
CA ASP C 578 -8.06 -21.32 -4.28
C ASP C 578 -8.55 -20.32 -5.30
N ALA C 579 -8.60 -19.03 -4.94
CA ALA C 579 -9.05 -18.00 -5.86
C ALA C 579 -7.93 -17.69 -6.87
N LYS C 580 -7.52 -18.76 -7.56
CA LYS C 580 -6.37 -18.80 -8.47
C LYS C 580 -6.71 -19.47 -9.78
S SO4 D . 4.51 -14.17 -16.44
O1 SO4 D . 4.05 -15.49 -16.00
O2 SO4 D . 4.17 -13.14 -15.46
O3 SO4 D . 5.95 -14.21 -16.62
O4 SO4 D . 3.84 -13.83 -17.70
S SO4 E . 31.04 -5.17 -14.93
O1 SO4 E . 30.49 -5.94 -13.81
O2 SO4 E . 30.03 -4.25 -15.45
O3 SO4 E . 32.20 -4.41 -14.50
O4 SO4 E . 31.43 -6.08 -16.01
S SO4 F . -0.08 -11.23 -15.66
O1 SO4 F . -0.21 -11.76 -14.30
O2 SO4 F . -1.28 -10.47 -15.99
O3 SO4 F . 1.10 -10.36 -15.72
O4 SO4 F . 0.06 -12.33 -16.61
#